data_2ZL7
#
_entry.id   2ZL7
#
_cell.length_a   83.069
_cell.length_b   83.069
_cell.length_c   164.316
_cell.angle_alpha   90.00
_cell.angle_beta   90.00
_cell.angle_gamma   120.00
#
_symmetry.space_group_name_H-M   'P 31 2 1'
#
loop_
_entity.id
_entity.type
_entity.pdbx_description
1 polymer '58 kd capsid protein'
2 branched alpha-L-fucopyranose-(1-2)-[2-acetamido-2-deoxy-beta-D-galactopyranose-(1-3)]beta-D-galactopyranose
3 non-polymer 'CALCIUM ION'
4 non-polymer 'MAGNESIUM ION'
5 non-polymer 'ACETATE ION'
6 water water
#
_entity_poly.entity_id   1
_entity_poly.type   'polypeptide(L)'
_entity_poly.pdbx_seq_one_letter_code
;EQKTRPFTLPNLPLSSLSNSRAPLPISSMGISPDNVQSVQFQNGRCTLDGRLVGTTPVSLSHVAKIRGTSNGTVINLTEL
DGTPFHPFEGPAPIGFPDLGGCDWHINMTQFGHSSQTQYDVDTTPDTFVPHLGSIQANGIGSGNYVGVLSWISPPSHPSG
SQVDLWKIPNYGSSITEATHLAPSVYPPGFGEVLVFFMSKMPGPGAYNLPCLLPQEYISHLASEQAPTVGEAALLHYVDP
DTGRNLGEFKAYPDGFLTCVPNGASSGPQQLPINGVFVFVSWVSRFYQLKPVGTA
;
_entity_poly.pdbx_strand_id   A,B
#
loop_
_chem_comp.id
_chem_comp.type
_chem_comp.name
_chem_comp.formula
ACT non-polymer 'ACETATE ION' 'C2 H3 O2 -1'
CA non-polymer 'CALCIUM ION' 'Ca 2'
FUC L-saccharide, alpha linking alpha-L-fucopyranose 'C6 H12 O5'
GAL D-saccharide, beta linking beta-D-galactopyranose 'C6 H12 O6'
MG non-polymer 'MAGNESIUM ION' 'Mg 2'
NGA D-saccharide, beta linking 2-acetamido-2-deoxy-beta-D-galactopyranose 'C8 H15 N O6'
#
# COMPACT_ATOMS: atom_id res chain seq x y z
N PHE A 7 -0.01 -15.58 19.63
CA PHE A 7 -0.73 -14.73 18.64
C PHE A 7 -0.16 -13.34 18.66
N THR A 8 -0.04 -12.73 17.47
CA THR A 8 0.46 -11.35 17.41
C THR A 8 -0.32 -10.45 16.44
N LEU A 9 -0.32 -9.17 16.79
CA LEU A 9 -0.67 -8.09 15.87
C LEU A 9 0.63 -7.34 15.55
N PRO A 10 0.65 -6.57 14.45
CA PRO A 10 1.86 -5.83 14.12
C PRO A 10 2.36 -4.92 15.24
N ASN A 11 3.66 -4.97 15.47
CA ASN A 11 4.30 -4.10 16.44
C ASN A 11 4.70 -2.81 15.74
N LEU A 12 3.67 -2.06 15.35
CA LEU A 12 3.83 -0.84 14.58
C LEU A 12 2.80 0.17 15.04
N PRO A 13 3.19 1.45 15.18
CA PRO A 13 2.22 2.42 15.62
C PRO A 13 1.13 2.67 14.57
N LEU A 14 -0.09 2.92 15.01
CA LEU A 14 -1.21 3.07 14.08
C LEU A 14 -0.95 4.18 13.06
N SER A 15 -0.34 5.27 13.50
CA SER A 15 -0.11 6.42 12.62
C SER A 15 0.88 6.12 11.49
N SER A 16 1.55 4.96 11.55
CA SER A 16 2.46 4.56 10.47
CA SER A 16 2.46 4.56 10.47
C SER A 16 1.77 3.66 9.44
N LEU A 17 0.50 3.36 9.65
CA LEU A 17 -0.20 2.34 8.85
C LEU A 17 -1.21 2.96 7.90
N SER A 18 -1.82 2.08 7.09
CA SER A 18 -2.74 2.51 6.06
C SER A 18 -4.16 2.09 6.34
N ASN A 19 -5.10 2.88 5.82
CA ASN A 19 -6.46 2.41 5.63
C ASN A 19 -6.49 1.17 4.75
N SER A 20 -7.52 0.34 4.92
CA SER A 20 -7.73 -0.83 4.07
C SER A 20 -8.83 -0.63 3.04
N ARG A 21 -9.45 0.57 3.00
CA ARG A 21 -10.46 0.86 1.97
C ARG A 21 -9.99 1.87 0.93
N ALA A 22 -8.84 2.49 1.17
CA ALA A 22 -8.19 3.35 0.19
C ALA A 22 -6.73 3.49 0.64
N PRO A 23 -5.81 3.80 -0.29
CA PRO A 23 -4.40 3.89 0.07
C PRO A 23 -4.00 5.17 0.80
N LEU A 24 -4.51 5.31 2.01
CA LEU A 24 -4.38 6.56 2.77
C LEU A 24 -3.82 6.27 4.14
N PRO A 25 -2.95 7.14 4.65
CA PRO A 25 -2.48 6.99 6.01
C PRO A 25 -3.59 7.03 7.03
N ILE A 26 -3.44 6.27 8.11
CA ILE A 26 -4.36 6.37 9.24
C ILE A 26 -4.08 7.67 10.01
N SER A 27 -5.13 8.45 10.26
CA SER A 27 -5.03 9.73 10.96
C SER A 27 -5.64 9.68 12.37
N SER A 28 -6.56 8.77 12.62
CA SER A 28 -7.23 8.70 13.91
C SER A 28 -7.96 7.38 14.05
N MET A 29 -8.38 7.03 15.26
CA MET A 29 -9.39 6.00 15.47
C MET A 29 -10.71 6.70 15.68
N GLY A 30 -11.80 5.96 15.54
CA GLY A 30 -13.11 6.56 15.71
C GLY A 30 -14.17 5.51 15.98
N ILE A 31 -15.36 5.99 16.27
CA ILE A 31 -16.52 5.16 16.45
C ILE A 31 -17.52 5.61 15.41
N SER A 32 -18.53 4.82 15.12
CA SER A 32 -19.51 5.22 14.12
C SER A 32 -20.51 6.22 14.69
N PRO A 33 -21.18 6.96 13.82
CA PRO A 33 -22.33 7.76 14.25
C PRO A 33 -23.35 6.88 14.94
N ASP A 34 -24.19 7.51 15.77
CA ASP A 34 -25.23 6.76 16.48
C ASP A 34 -26.23 6.10 15.54
N ASN A 35 -26.43 6.67 14.35
CA ASN A 35 -27.33 6.12 13.35
C ASN A 35 -26.72 4.99 12.50
N VAL A 36 -25.50 4.60 12.85
CA VAL A 36 -24.86 3.44 12.23
C VAL A 36 -24.58 2.43 13.31
N GLN A 37 -25.08 1.23 13.11
CA GLN A 37 -24.78 0.16 14.03
C GLN A 37 -23.84 -0.81 13.29
N SER A 38 -24.39 -1.57 12.38
CA SER A 38 -23.60 -2.54 11.66
C SER A 38 -22.95 -1.90 10.46
N VAL A 39 -21.87 -2.54 10.01
CA VAL A 39 -21.23 -2.16 8.75
C VAL A 39 -21.03 -3.40 7.91
N GLN A 40 -20.86 -3.19 6.61
CA GLN A 40 -20.73 -4.31 5.69
C GLN A 40 -19.63 -4.03 4.68
N PHE A 41 -18.53 -3.45 5.13
CA PHE A 41 -17.41 -3.15 4.24
C PHE A 41 -16.97 -4.43 3.54
N GLN A 42 -16.57 -4.30 2.29
CA GLN A 42 -16.08 -5.45 1.51
C GLN A 42 -14.57 -5.50 1.44
N ASN A 43 -13.90 -4.35 1.57
CA ASN A 43 -12.46 -4.30 1.74
C ASN A 43 -12.10 -4.14 3.20
N GLY A 44 -10.86 -4.47 3.55
CA GLY A 44 -10.45 -4.41 4.95
C GLY A 44 -11.08 -5.46 5.85
N ARG A 45 -11.37 -6.63 5.26
CA ARG A 45 -12.02 -7.73 5.96
C ARG A 45 -11.07 -8.92 6.02
N CYS A 46 -10.63 -9.27 7.22
CA CYS A 46 -9.75 -10.42 7.40
C CYS A 46 -10.01 -10.97 8.79
N THR A 47 -10.21 -12.28 8.90
CA THR A 47 -10.42 -12.92 10.20
C THR A 47 -9.09 -13.01 10.95
N LEU A 48 -9.15 -13.27 12.25
CA LEU A 48 -7.93 -13.32 13.05
C LEU A 48 -7.02 -14.48 12.68
N ASP A 49 -7.59 -15.54 12.08
CA ASP A 49 -6.78 -16.65 11.59
C ASP A 49 -6.28 -16.49 10.17
N GLY A 50 -6.52 -15.32 9.55
CA GLY A 50 -5.95 -14.99 8.27
C GLY A 50 -6.80 -15.23 7.04
N ARG A 51 -8.11 -15.39 7.22
CA ARG A 51 -9.02 -15.57 6.09
C ARG A 51 -9.46 -14.21 5.53
N LEU A 52 -9.03 -13.91 4.30
CA LEU A 52 -9.53 -12.73 3.61
C LEU A 52 -10.97 -12.93 3.21
N VAL A 53 -11.76 -11.88 3.38
CA VAL A 53 -13.18 -11.87 3.23
C VAL A 53 -13.55 -10.75 2.24
N GLY A 54 -14.65 -10.91 1.51
CA GLY A 54 -15.11 -9.86 0.60
C GLY A 54 -14.17 -9.69 -0.56
N THR A 55 -13.94 -8.44 -0.95
CA THR A 55 -13.01 -8.14 -2.05
C THR A 55 -11.59 -7.80 -1.54
N THR A 56 -11.35 -8.05 -0.25
CA THR A 56 -10.09 -7.68 0.40
C THR A 56 -8.88 -8.37 -0.22
N PRO A 57 -7.86 -7.59 -0.61
CA PRO A 57 -6.56 -8.13 -1.03
C PRO A 57 -5.56 -8.16 0.10
N VAL A 58 -4.50 -8.94 -0.07
CA VAL A 58 -3.38 -8.93 0.85
C VAL A 58 -2.67 -7.56 0.91
N SER A 59 -2.50 -6.93 -0.26
CA SER A 59 -1.64 -5.77 -0.43
C SER A 59 -2.42 -4.51 -0.71
N LEU A 60 -1.95 -3.40 -0.14
CA LEU A 60 -2.48 -2.09 -0.46
C LEU A 60 -2.35 -1.73 -1.93
N SER A 61 -1.41 -2.35 -2.65
CA SER A 61 -1.25 -2.09 -4.07
C SER A 61 -2.46 -2.52 -4.89
N HIS A 62 -3.38 -3.27 -4.29
CA HIS A 62 -4.63 -3.65 -4.96
C HIS A 62 -5.86 -2.91 -4.41
N VAL A 63 -5.71 -2.09 -3.37
CA VAL A 63 -6.86 -1.49 -2.68
C VAL A 63 -7.44 -0.28 -3.41
N ALA A 64 -8.75 -0.33 -3.62
CA ALA A 64 -9.52 0.72 -4.29
C ALA A 64 -9.01 0.97 -5.70
N LYS A 65 -8.81 -0.14 -6.41
CA LYS A 65 -8.38 -0.10 -7.79
C LYS A 65 -9.33 -0.88 -8.68
N ILE A 66 -9.32 -0.50 -9.95
CA ILE A 66 -10.07 -1.20 -10.99
C ILE A 66 -9.17 -1.51 -12.17
N ARG A 67 -9.53 -2.52 -12.93
CA ARG A 67 -8.89 -2.78 -14.19
C ARG A 67 -9.93 -3.23 -15.18
N GLY A 68 -9.87 -2.70 -16.39
CA GLY A 68 -10.83 -3.14 -17.40
C GLY A 68 -10.61 -2.51 -18.73
N THR A 69 -11.41 -2.96 -19.69
CA THR A 69 -11.36 -2.41 -21.04
C THR A 69 -12.63 -1.65 -21.34
N SER A 70 -12.49 -0.37 -21.66
CA SER A 70 -13.60 0.44 -22.15
C SER A 70 -13.82 0.19 -23.63
N ASN A 71 -15.08 0.17 -24.04
CA ASN A 71 -15.45 0.25 -25.46
C ASN A 71 -16.13 1.59 -25.75
N GLY A 72 -16.02 2.54 -24.83
CA GLY A 72 -16.61 3.86 -24.96
C GLY A 72 -17.98 4.00 -24.32
N THR A 73 -18.64 2.86 -24.08
CA THR A 73 -19.95 2.81 -23.44
C THR A 73 -19.88 2.14 -22.07
N VAL A 74 -19.23 0.99 -22.01
CA VAL A 74 -19.00 0.27 -20.75
C VAL A 74 -17.53 -0.05 -20.59
N ILE A 75 -17.15 -0.29 -19.34
CA ILE A 75 -15.86 -0.83 -18.99
C ILE A 75 -16.10 -2.28 -18.51
N ASN A 76 -15.52 -3.24 -19.24
CA ASN A 76 -15.60 -4.64 -18.87
C ASN A 76 -14.40 -4.93 -17.98
N LEU A 77 -14.70 -5.28 -16.73
CA LEU A 77 -13.72 -5.42 -15.66
C LEU A 77 -13.03 -6.77 -15.69
N THR A 78 -11.78 -6.77 -15.26
CA THR A 78 -11.02 -7.97 -14.95
C THR A 78 -10.44 -7.84 -13.55
N GLU A 79 -9.71 -8.84 -13.09
CA GLU A 79 -8.86 -8.65 -11.92
C GLU A 79 -7.74 -7.69 -12.30
N LEU A 80 -7.05 -7.18 -11.29
CA LEU A 80 -6.02 -6.18 -11.47
C LEU A 80 -4.91 -6.65 -12.38
N ASP A 81 -4.57 -7.94 -12.32
CA ASP A 81 -3.52 -8.53 -13.17
C ASP A 81 -4.01 -8.91 -14.57
N GLY A 82 -5.27 -8.60 -14.89
CA GLY A 82 -5.82 -8.88 -16.21
C GLY A 82 -6.55 -10.19 -16.32
N THR A 83 -6.53 -11.02 -15.30
CA THR A 83 -7.19 -12.30 -15.44
C THR A 83 -8.70 -12.11 -15.27
N PRO A 84 -9.47 -12.98 -15.90
CA PRO A 84 -10.90 -12.78 -15.91
C PRO A 84 -11.54 -12.79 -14.53
N PHE A 85 -12.58 -11.99 -14.40
CA PHE A 85 -13.45 -11.98 -13.23
C PHE A 85 -14.80 -12.57 -13.64
N HIS A 86 -15.37 -13.40 -12.77
CA HIS A 86 -16.68 -14.01 -13.01
C HIS A 86 -17.58 -13.74 -11.82
N PRO A 87 -18.89 -13.62 -12.05
CA PRO A 87 -19.78 -13.30 -10.96
C PRO A 87 -19.68 -14.22 -9.74
N PHE A 88 -19.38 -15.50 -9.93
CA PHE A 88 -19.31 -16.40 -8.77
C PHE A 88 -18.24 -16.01 -7.77
N GLU A 89 -17.27 -15.21 -8.22
CA GLU A 89 -16.12 -14.89 -7.39
C GLU A 89 -16.43 -13.83 -6.33
N GLY A 90 -17.46 -13.00 -6.48
CA GLY A 90 -17.69 -11.97 -5.50
C GLY A 90 -18.53 -10.84 -6.03
N PRO A 91 -18.68 -9.79 -5.21
CA PRO A 91 -19.47 -8.64 -5.61
C PRO A 91 -18.79 -7.77 -6.66
N ALA A 92 -17.47 -7.95 -6.80
CA ALA A 92 -16.67 -7.20 -7.73
C ALA A 92 -15.29 -7.84 -7.70
N PRO A 93 -14.41 -7.48 -8.64
CA PRO A 93 -13.06 -8.00 -8.57
C PRO A 93 -12.34 -7.63 -7.27
N ILE A 94 -11.33 -8.41 -6.91
CA ILE A 94 -10.52 -8.13 -5.73
C ILE A 94 -10.01 -6.67 -5.77
N GLY A 95 -10.16 -5.97 -4.66
CA GLY A 95 -9.65 -4.61 -4.52
C GLY A 95 -10.60 -3.54 -4.99
N PHE A 96 -11.68 -3.90 -5.65
CA PHE A 96 -12.59 -2.92 -6.21
C PHE A 96 -13.06 -1.97 -5.10
N PRO A 97 -13.18 -0.65 -5.36
CA PRO A 97 -13.58 0.21 -4.27
C PRO A 97 -14.92 -0.15 -3.63
N ASP A 98 -15.02 0.05 -2.32
CA ASP A 98 -16.23 -0.30 -1.58
C ASP A 98 -16.84 0.89 -0.84
N LEU A 99 -16.57 2.09 -1.32
CA LEU A 99 -17.07 3.32 -0.66
C LEU A 99 -18.47 3.59 -1.18
N GLY A 100 -19.47 3.31 -0.34
CA GLY A 100 -20.83 3.76 -0.62
C GLY A 100 -20.96 5.23 -0.29
N GLY A 101 -22.15 5.77 -0.55
CA GLY A 101 -22.46 7.11 -0.08
C GLY A 101 -21.61 8.22 -0.67
N CYS A 102 -21.18 8.08 -1.90
CA CYS A 102 -20.38 9.09 -2.56
C CYS A 102 -20.24 8.78 -4.05
N ASP A 103 -19.84 9.78 -4.83
CA ASP A 103 -19.34 9.54 -6.17
C ASP A 103 -17.82 9.37 -6.07
N TRP A 104 -17.27 8.57 -6.96
CA TRP A 104 -15.84 8.33 -7.00
C TRP A 104 -15.20 9.08 -8.15
N HIS A 105 -13.95 9.48 -7.97
CA HIS A 105 -13.15 10.03 -9.06
C HIS A 105 -11.87 9.22 -9.09
N ILE A 106 -11.76 8.41 -10.14
CA ILE A 106 -10.73 7.40 -10.25
C ILE A 106 -9.70 7.85 -11.28
N ASN A 107 -8.43 7.77 -10.95
CA ASN A 107 -7.38 8.16 -11.88
C ASN A 107 -6.98 6.96 -12.73
N MET A 108 -7.18 7.09 -14.05
CA MET A 108 -7.00 6.00 -15.02
C MET A 108 -5.69 6.18 -15.78
N THR A 109 -4.85 5.16 -15.78
CA THR A 109 -3.60 5.15 -16.54
C THR A 109 -3.54 3.87 -17.36
N GLN A 110 -2.53 3.79 -18.22
CA GLN A 110 -2.42 2.68 -19.17
C GLN A 110 -0.98 2.21 -19.30
N PHE A 111 -0.79 0.90 -19.36
CA PHE A 111 0.50 0.34 -19.67
C PHE A 111 0.78 0.59 -21.14
N GLY A 112 1.88 1.26 -21.42
CA GLY A 112 2.28 1.49 -22.80
C GLY A 112 1.76 2.78 -23.41
N HIS A 113 1.03 3.59 -22.66
CA HIS A 113 0.59 4.89 -23.17
C HIS A 113 0.83 5.99 -22.16
N SER A 114 1.00 7.19 -22.68
CA SER A 114 1.05 8.40 -21.86
C SER A 114 -0.30 8.71 -21.27
N SER A 115 -0.28 9.58 -20.25
CA SER A 115 -1.41 10.36 -19.78
C SER A 115 -2.20 9.68 -18.68
N GLN A 116 -2.98 10.47 -17.98
CA GLN A 116 -3.95 9.98 -17.03
C GLN A 116 -5.30 10.61 -17.35
N THR A 117 -6.37 9.96 -16.91
CA THR A 117 -7.73 10.46 -17.18
C THR A 117 -8.58 10.25 -15.94
N GLN A 118 -9.32 11.27 -15.53
CA GLN A 118 -10.23 11.14 -14.41
C GLN A 118 -11.51 10.47 -14.88
N TYR A 119 -11.89 9.41 -14.19
CA TYR A 119 -13.11 8.66 -14.43
C TYR A 119 -14.08 8.97 -13.28
N ASP A 120 -15.24 9.55 -13.62
CA ASP A 120 -16.23 9.97 -12.65
C ASP A 120 -17.29 8.89 -12.53
N VAL A 121 -17.49 8.37 -11.33
CA VAL A 121 -18.32 7.21 -11.10
C VAL A 121 -19.47 7.54 -10.15
N ASP A 122 -20.69 7.50 -10.67
CA ASP A 122 -21.90 7.42 -9.87
C ASP A 122 -22.20 5.92 -9.74
N THR A 123 -22.28 5.42 -8.51
CA THR A 123 -22.41 3.97 -8.30
C THR A 123 -23.88 3.55 -8.25
N THR A 124 -24.79 4.51 -8.42
CA THR A 124 -26.23 4.20 -8.31
C THR A 124 -26.99 3.69 -9.54
N PRO A 125 -26.56 4.05 -10.78
CA PRO A 125 -27.43 3.67 -11.91
C PRO A 125 -27.39 2.19 -12.24
N ASP A 126 -28.35 1.73 -13.05
CA ASP A 126 -28.45 0.31 -13.38
C ASP A 126 -27.32 -0.20 -14.28
N THR A 127 -26.52 0.73 -14.81
CA THR A 127 -25.32 0.40 -15.57
C THR A 127 -24.10 0.09 -14.69
N PHE A 128 -24.18 0.41 -13.40
CA PHE A 128 -23.09 0.10 -12.48
C PHE A 128 -23.33 -1.29 -11.93
N VAL A 129 -22.76 -2.29 -12.59
CA VAL A 129 -22.98 -3.69 -12.19
C VAL A 129 -21.63 -4.41 -12.12
N PRO A 130 -20.76 -3.98 -11.21
CA PRO A 130 -19.45 -4.62 -11.12
C PRO A 130 -19.54 -6.11 -10.77
N HIS A 131 -20.59 -6.54 -10.08
CA HIS A 131 -20.77 -7.97 -9.84
C HIS A 131 -20.88 -8.78 -11.14
N LEU A 132 -21.43 -8.17 -12.18
CA LEU A 132 -21.50 -8.81 -13.49
C LEU A 132 -20.38 -8.35 -14.41
N GLY A 133 -19.39 -7.67 -13.84
CA GLY A 133 -18.18 -7.29 -14.55
C GLY A 133 -18.28 -6.10 -15.48
N SER A 134 -19.29 -5.24 -15.29
CA SER A 134 -19.55 -4.16 -16.24
C SER A 134 -19.94 -2.89 -15.48
N ILE A 135 -19.27 -1.77 -15.79
CA ILE A 135 -19.66 -0.47 -15.25
C ILE A 135 -19.67 0.55 -16.38
N GLN A 136 -20.49 1.58 -16.25
CA GLN A 136 -20.58 2.59 -17.34
C GLN A 136 -19.22 3.26 -17.59
N ALA A 137 -18.88 3.53 -18.84
CA ALA A 137 -17.62 4.17 -19.18
C ALA A 137 -17.62 5.67 -18.85
N ASN A 138 -18.80 6.26 -18.85
CA ASN A 138 -18.98 7.70 -18.61
C ASN A 138 -17.92 8.54 -19.31
N GLY A 139 -17.75 8.29 -20.60
CA GLY A 139 -16.88 9.12 -21.42
C GLY A 139 -15.44 8.65 -21.55
N ILE A 140 -15.07 7.60 -20.81
CA ILE A 140 -13.74 7.06 -20.91
C ILE A 140 -13.61 6.34 -22.26
N GLY A 141 -12.67 6.80 -23.08
CA GLY A 141 -12.49 6.28 -24.43
C GLY A 141 -11.99 4.85 -24.45
N SER A 142 -12.21 4.18 -25.57
CA SER A 142 -11.84 2.80 -25.72
C SER A 142 -10.38 2.56 -25.35
N GLY A 143 -10.13 1.44 -24.68
CA GLY A 143 -8.80 1.11 -24.26
C GLY A 143 -8.80 0.32 -22.96
N ASN A 144 -7.64 -0.20 -22.62
CA ASN A 144 -7.46 -0.91 -21.35
C ASN A 144 -6.83 0.04 -20.35
N TYR A 145 -7.36 0.04 -19.13
CA TYR A 145 -6.90 0.94 -18.08
C TYR A 145 -6.77 0.22 -16.75
N VAL A 146 -5.86 0.75 -15.94
CA VAL A 146 -5.86 0.53 -14.48
C VAL A 146 -6.26 1.85 -13.85
N GLY A 147 -7.14 1.79 -12.86
CA GLY A 147 -7.60 2.98 -12.17
C GLY A 147 -7.40 2.84 -10.66
N VAL A 148 -7.14 3.96 -10.01
CA VAL A 148 -7.07 4.00 -8.56
C VAL A 148 -7.92 5.15 -8.06
N LEU A 149 -8.67 4.91 -7.00
CA LEU A 149 -9.50 5.94 -6.41
C LEU A 149 -8.62 7.12 -6.00
N SER A 150 -9.00 8.33 -6.40
CA SER A 150 -8.19 9.53 -6.15
C SER A 150 -8.89 10.50 -5.17
N TRP A 151 -10.17 10.79 -5.40
CA TRP A 151 -10.93 11.66 -4.51
C TRP A 151 -12.40 11.34 -4.66
N ILE A 152 -13.21 11.82 -3.72
CA ILE A 152 -14.64 11.54 -3.73
C ILE A 152 -15.45 12.82 -3.59
N SER A 153 -16.74 12.73 -3.87
CA SER A 153 -17.61 13.89 -3.74
C SER A 153 -18.99 13.37 -3.39
N PRO A 154 -19.95 14.26 -3.07
CA PRO A 154 -21.29 13.78 -2.75
C PRO A 154 -21.93 12.95 -3.88
N PRO A 155 -22.79 11.98 -3.51
CA PRO A 155 -23.43 11.17 -4.54
C PRO A 155 -24.24 12.02 -5.50
N SER A 156 -24.23 11.64 -6.76
CA SER A 156 -25.07 12.29 -7.76
C SER A 156 -26.54 11.98 -7.53
N HIS A 157 -26.83 10.79 -7.01
CA HIS A 157 -28.20 10.38 -6.67
C HIS A 157 -28.18 9.64 -5.34
N PRO A 158 -29.18 9.84 -4.48
CA PRO A 158 -30.25 10.83 -4.60
C PRO A 158 -29.68 12.25 -4.57
N SER A 159 -30.29 13.16 -5.33
CA SER A 159 -29.86 14.54 -5.36
C SER A 159 -29.77 15.12 -3.95
N GLY A 160 -28.67 15.83 -3.67
CA GLY A 160 -28.48 16.50 -2.38
C GLY A 160 -28.05 15.61 -1.21
N SER A 161 -27.79 14.33 -1.49
CA SER A 161 -27.32 13.38 -0.49
C SER A 161 -26.00 13.82 0.14
N GLN A 162 -25.83 13.45 1.41
CA GLN A 162 -24.58 13.66 2.12
C GLN A 162 -23.58 12.58 1.72
N VAL A 163 -22.32 12.78 2.10
CA VAL A 163 -21.30 11.74 1.95
C VAL A 163 -21.38 10.87 3.19
N ASP A 164 -21.58 9.57 2.97
CA ASP A 164 -21.75 8.61 4.06
C ASP A 164 -20.90 7.39 3.79
N LEU A 165 -19.67 7.44 4.28
CA LEU A 165 -18.68 6.40 4.01
C LEU A 165 -18.86 5.18 4.90
N TRP A 166 -19.92 5.16 5.72
CA TRP A 166 -20.30 3.95 6.44
C TRP A 166 -21.03 2.96 5.55
N LYS A 167 -21.35 3.38 4.32
CA LYS A 167 -22.06 2.57 3.36
C LYS A 167 -21.11 1.90 2.38
N ILE A 168 -21.64 0.89 1.70
CA ILE A 168 -21.01 0.25 0.55
C ILE A 168 -21.87 0.53 -0.69
N PRO A 169 -21.30 0.45 -1.89
CA PRO A 169 -22.12 0.65 -3.08
C PRO A 169 -23.01 -0.53 -3.42
N ASN A 170 -23.95 -0.28 -4.33
CA ASN A 170 -24.78 -1.32 -4.89
C ASN A 170 -24.02 -1.98 -6.03
N TYR A 171 -23.49 -3.17 -5.79
CA TYR A 171 -22.67 -3.88 -6.77
C TYR A 171 -23.47 -4.61 -7.85
N GLY A 172 -24.78 -4.76 -7.62
CA GLY A 172 -25.65 -5.50 -8.55
C GLY A 172 -26.51 -4.56 -9.36
N SER A 173 -27.31 -5.11 -10.27
CA SER A 173 -28.21 -4.31 -11.10
C SER A 173 -29.33 -3.70 -10.27
N SER A 174 -29.71 -4.42 -9.21
CA SER A 174 -30.62 -3.89 -8.20
C SER A 174 -30.12 -4.30 -6.82
N ILE A 175 -30.73 -3.72 -5.79
CA ILE A 175 -30.30 -3.98 -4.42
C ILE A 175 -30.79 -5.37 -3.97
N THR A 176 -31.71 -5.96 -4.73
CA THR A 176 -32.22 -7.29 -4.44
C THR A 176 -31.42 -8.41 -5.10
N GLU A 177 -30.45 -8.05 -5.95
CA GLU A 177 -29.59 -9.03 -6.60
C GLU A 177 -28.53 -9.53 -5.62
N ALA A 178 -28.36 -10.85 -5.58
CA ALA A 178 -27.36 -11.49 -4.74
C ALA A 178 -26.00 -11.28 -5.38
N THR A 179 -25.03 -10.80 -4.61
CA THR A 179 -23.71 -10.48 -5.15
C THR A 179 -22.57 -11.08 -4.32
N HIS A 180 -22.91 -11.99 -3.41
CA HIS A 180 -21.93 -12.67 -2.55
C HIS A 180 -21.20 -11.71 -1.65
N LEU A 181 -21.92 -10.77 -1.06
CA LEU A 181 -21.29 -9.83 -0.13
C LEU A 181 -20.75 -10.56 1.08
N ALA A 182 -19.60 -10.13 1.57
CA ALA A 182 -19.19 -10.47 2.92
C ALA A 182 -20.26 -10.02 3.88
N PRO A 183 -20.53 -10.82 4.92
CA PRO A 183 -21.59 -10.47 5.86
C PRO A 183 -21.32 -9.20 6.68
N SER A 184 -22.38 -8.64 7.23
CA SER A 184 -22.27 -7.50 8.10
C SER A 184 -21.55 -7.82 9.41
N VAL A 185 -20.97 -6.78 9.99
CA VAL A 185 -20.30 -6.86 11.27
C VAL A 185 -21.12 -6.02 12.24
N TYR A 186 -21.48 -6.61 13.39
CA TYR A 186 -22.33 -5.95 14.39
C TYR A 186 -21.56 -5.68 15.69
N PRO A 187 -21.88 -4.57 16.37
CA PRO A 187 -21.41 -4.36 17.72
C PRO A 187 -21.88 -5.55 18.56
N PRO A 188 -20.97 -6.17 19.33
CA PRO A 188 -21.34 -7.44 19.98
C PRO A 188 -22.14 -7.36 21.28
N GLY A 189 -22.41 -6.16 21.79
CA GLY A 189 -23.22 -5.97 22.98
C GLY A 189 -22.47 -5.49 24.20
N PHE A 190 -23.23 -5.31 25.28
CA PHE A 190 -22.71 -4.99 26.61
C PHE A 190 -21.76 -3.80 26.66
N GLY A 191 -22.18 -2.72 26.01
CA GLY A 191 -21.44 -1.48 26.06
C GLY A 191 -20.28 -1.42 25.10
N GLU A 192 -19.98 -2.51 24.42
CA GLU A 192 -18.89 -2.52 23.45
C GLU A 192 -19.29 -1.85 22.15
N VAL A 193 -18.40 -0.99 21.64
CA VAL A 193 -18.58 -0.31 20.38
C VAL A 193 -17.49 -0.81 19.41
N LEU A 194 -17.85 -0.86 18.12
CA LEU A 194 -16.87 -1.14 17.08
C LEU A 194 -15.86 0.00 16.99
N VAL A 195 -14.61 -0.39 16.79
CA VAL A 195 -13.52 0.57 16.65
C VAL A 195 -13.13 0.66 15.19
N PHE A 196 -13.01 1.89 14.68
CA PHE A 196 -12.66 2.10 13.30
C PHE A 196 -11.37 2.87 13.18
N PHE A 197 -10.65 2.59 12.10
CA PHE A 197 -9.40 3.28 11.79
C PHE A 197 -9.71 4.22 10.66
N MET A 198 -9.42 5.50 10.85
CA MET A 198 -9.89 6.57 9.98
C MET A 198 -8.77 7.21 9.20
N SER A 199 -9.10 7.64 7.98
CA SER A 199 -8.19 8.39 7.13
C SER A 199 -8.92 9.56 6.48
N LYS A 200 -8.21 10.65 6.28
CA LYS A 200 -8.72 11.80 5.54
C LYS A 200 -8.71 11.48 4.05
N MET A 201 -9.86 11.64 3.40
CA MET A 201 -10.01 11.38 1.95
C MET A 201 -10.19 12.72 1.22
N PRO A 202 -9.35 13.02 0.22
CA PRO A 202 -9.55 14.25 -0.51
C PRO A 202 -10.90 14.34 -1.22
N GLY A 203 -11.28 15.58 -1.47
CA GLY A 203 -12.55 15.95 -2.06
C GLY A 203 -13.07 17.20 -1.37
N PRO A 204 -14.21 17.71 -1.86
CA PRO A 204 -14.77 19.00 -1.38
C PRO A 204 -15.53 18.94 -0.07
N GLY A 205 -14.93 18.32 0.92
CA GLY A 205 -15.50 18.25 2.25
C GLY A 205 -14.50 17.60 3.19
N ALA A 206 -14.82 17.55 4.46
CA ALA A 206 -13.95 16.96 5.46
C ALA A 206 -14.29 15.50 5.61
N TYR A 207 -13.86 14.70 4.64
CA TYR A 207 -14.28 13.31 4.56
C TYR A 207 -13.32 12.43 5.32
N ASN A 208 -13.88 11.55 6.14
CA ASN A 208 -13.11 10.63 6.96
C ASN A 208 -13.59 9.22 6.66
N LEU A 209 -12.67 8.40 6.17
CA LEU A 209 -12.96 7.05 5.71
C LEU A 209 -12.65 6.07 6.80
N PRO A 210 -13.66 5.33 7.30
CA PRO A 210 -13.45 4.34 8.32
C PRO A 210 -13.14 2.96 7.73
N CYS A 211 -12.32 2.17 8.40
CA CYS A 211 -12.12 0.76 8.06
C CYS A 211 -11.99 -0.03 9.35
N LEU A 212 -12.18 -1.34 9.26
CA LEU A 212 -12.15 -2.19 10.44
C LEU A 212 -10.74 -2.59 10.89
N LEU A 213 -9.80 -2.65 9.95
CA LEU A 213 -8.42 -3.01 10.27
C LEU A 213 -7.50 -2.24 9.36
N PRO A 214 -6.36 -1.78 9.89
CA PRO A 214 -5.35 -1.24 8.95
C PRO A 214 -4.90 -2.29 7.97
N GLN A 215 -4.50 -1.86 6.78
CA GLN A 215 -4.11 -2.83 5.76
C GLN A 215 -2.94 -3.71 6.23
N GLU A 216 -2.01 -3.15 6.98
CA GLU A 216 -0.87 -3.91 7.40
C GLU A 216 -1.24 -4.99 8.42
N TYR A 217 -2.34 -4.78 9.13
CA TYR A 217 -2.86 -5.85 9.99
C TYR A 217 -3.34 -7.03 9.13
N ILE A 218 -3.94 -6.71 7.98
CA ILE A 218 -4.48 -7.74 7.11
C ILE A 218 -3.35 -8.59 6.56
N SER A 219 -2.29 -7.97 6.03
CA SER A 219 -1.17 -8.76 5.54
C SER A 219 -0.52 -9.56 6.67
N HIS A 220 -0.44 -8.97 7.86
CA HIS A 220 0.14 -9.68 9.01
C HIS A 220 -0.67 -10.91 9.37
N LEU A 221 -1.99 -10.74 9.48
CA LEU A 221 -2.86 -11.85 9.85
C LEU A 221 -2.87 -12.94 8.77
N ALA A 222 -2.89 -12.53 7.50
CA ALA A 222 -2.89 -13.46 6.38
C ALA A 222 -1.59 -14.24 6.29
N SER A 223 -0.50 -13.65 6.73
CA SER A 223 0.81 -14.33 6.81
C SER A 223 0.89 -15.26 8.00
N GLU A 224 0.44 -14.77 9.15
CA GLU A 224 0.56 -15.47 10.43
C GLU A 224 -0.25 -16.75 10.45
N GLN A 225 -1.47 -16.69 9.90
CA GLN A 225 -2.34 -17.86 9.81
C GLN A 225 -2.48 -18.55 11.16
N ALA A 226 -2.73 -17.76 12.18
CA ALA A 226 -2.79 -18.25 13.56
C ALA A 226 -3.55 -19.58 13.69
N PRO A 227 -2.86 -20.64 14.17
CA PRO A 227 -3.45 -21.97 14.38
C PRO A 227 -4.33 -22.03 15.62
N THR A 228 -4.15 -21.03 16.48
CA THR A 228 -4.90 -20.85 17.68
C THR A 228 -5.60 -19.53 17.54
N VAL A 229 -6.92 -19.55 17.59
CA VAL A 229 -7.68 -18.36 17.84
C VAL A 229 -8.77 -18.72 18.85
N GLY A 230 -8.87 -17.94 19.92
CA GLY A 230 -9.85 -18.17 21.00
C GLY A 230 -11.15 -17.41 20.72
N GLU A 231 -11.95 -17.17 21.76
CA GLU A 231 -13.25 -16.48 21.60
C GLU A 231 -13.12 -14.98 21.36
N ALA A 232 -12.13 -14.39 22.01
CA ALA A 232 -11.81 -12.98 21.82
C ALA A 232 -10.41 -12.75 22.33
N ALA A 233 -9.69 -11.85 21.67
CA ALA A 233 -8.34 -11.52 22.09
C ALA A 233 -8.40 -10.26 22.91
N LEU A 234 -7.92 -10.33 24.15
CA LEU A 234 -7.74 -9.14 24.97
C LEU A 234 -6.47 -8.45 24.49
N LEU A 235 -6.61 -7.16 24.20
CA LEU A 235 -5.49 -6.32 23.76
C LEU A 235 -5.29 -5.17 24.71
N HIS A 236 -4.07 -4.67 24.74
CA HIS A 236 -3.78 -3.35 25.27
C HIS A 236 -3.31 -2.44 24.15
N TYR A 237 -3.74 -1.19 24.21
CA TYR A 237 -3.25 -0.16 23.32
C TYR A 237 -2.16 0.53 24.10
N VAL A 238 -0.92 0.36 23.65
CA VAL A 238 0.23 0.76 24.44
C VAL A 238 0.99 1.93 23.83
N ASP A 239 1.48 2.82 24.69
CA ASP A 239 2.46 3.81 24.26
C ASP A 239 3.84 3.14 24.21
N PRO A 240 4.44 3.05 23.02
CA PRO A 240 5.69 2.28 22.87
C PRO A 240 6.87 2.64 23.77
N ASP A 241 7.12 3.93 23.97
CA ASP A 241 8.31 4.37 24.71
C ASP A 241 8.18 4.12 26.19
N THR A 242 7.02 4.47 26.76
CA THR A 242 6.78 4.32 28.19
C THR A 242 6.27 2.92 28.52
N GLY A 243 5.64 2.28 27.52
CA GLY A 243 5.01 0.98 27.72
C GLY A 243 3.68 1.07 28.44
N ARG A 244 3.17 2.29 28.60
CA ARG A 244 1.94 2.53 29.33
C ARG A 244 0.75 1.95 28.58
N ASN A 245 -0.07 1.18 29.29
CA ASN A 245 -1.35 0.69 28.80
C ASN A 245 -2.36 1.84 28.78
N LEU A 246 -2.75 2.26 27.59
CA LEU A 246 -3.69 3.35 27.42
C LEU A 246 -5.16 2.89 27.38
N GLY A 247 -5.40 1.59 27.29
CA GLY A 247 -6.76 1.10 27.25
C GLY A 247 -6.86 -0.35 26.82
N GLU A 248 -7.89 -1.03 27.33
CA GLU A 248 -8.18 -2.41 26.99
C GLU A 248 -9.15 -2.46 25.83
N PHE A 249 -8.88 -3.37 24.89
CA PHE A 249 -9.75 -3.61 23.74
C PHE A 249 -9.89 -5.11 23.56
N LYS A 250 -10.89 -5.51 22.78
CA LYS A 250 -11.02 -6.90 22.36
C LYS A 250 -10.97 -6.99 20.84
N ALA A 251 -10.29 -7.99 20.32
CA ALA A 251 -10.40 -8.34 18.90
C ALA A 251 -11.19 -9.63 18.79
N TYR A 252 -12.14 -9.64 17.87
CA TYR A 252 -13.04 -10.78 17.68
C TYR A 252 -12.61 -11.58 16.45
N PRO A 253 -12.81 -12.90 16.48
CA PRO A 253 -12.37 -13.76 15.39
C PRO A 253 -12.73 -13.26 13.98
N ASP A 254 -13.90 -12.66 13.80
CA ASP A 254 -14.33 -12.21 12.47
C ASP A 254 -13.54 -11.02 11.92
N GLY A 255 -12.67 -10.43 12.75
CA GLY A 255 -11.72 -9.42 12.28
C GLY A 255 -12.08 -7.98 12.62
N PHE A 256 -12.49 -7.73 13.84
CA PHE A 256 -12.80 -6.37 14.24
C PHE A 256 -12.44 -6.19 15.70
N LEU A 257 -12.24 -4.94 16.08
CA LEU A 257 -11.89 -4.55 17.45
C LEU A 257 -13.03 -3.80 18.09
N THR A 258 -13.11 -3.92 19.42
CA THR A 258 -14.08 -3.17 20.20
C THR A 258 -13.42 -2.60 21.45
N CYS A 259 -14.11 -1.62 22.04
CA CYS A 259 -13.81 -1.18 23.37
C CYS A 259 -15.09 -0.69 24.01
N VAL A 260 -15.00 -0.36 25.29
CA VAL A 260 -16.13 0.26 26.00
C VAL A 260 -15.75 1.71 26.31
N PRO A 261 -16.35 2.67 25.62
CA PRO A 261 -16.00 4.06 25.91
C PRO A 261 -16.39 4.45 27.34
N ASN A 262 -15.62 5.37 27.92
CA ASN A 262 -15.96 5.98 29.20
C ASN A 262 -16.56 7.36 28.92
N GLY A 263 -17.74 7.37 28.30
CA GLY A 263 -18.44 8.61 27.95
C GLY A 263 -18.19 9.07 26.52
N ALA A 264 -19.08 9.93 26.02
CA ALA A 264 -19.02 10.43 24.65
C ALA A 264 -17.70 11.15 24.33
N SER A 265 -17.07 11.72 25.35
CA SER A 265 -15.76 12.34 25.22
C SER A 265 -14.69 11.43 25.83
N GLY A 267 -13.75 8.04 24.38
CA GLY A 267 -13.65 6.85 23.53
C GLY A 267 -12.29 6.70 22.86
N PRO A 268 -12.18 5.77 21.88
CA PRO A 268 -10.91 5.57 21.20
C PRO A 268 -10.48 6.79 20.37
N GLN A 269 -11.44 7.61 19.95
CA GLN A 269 -11.15 8.83 19.19
C GLN A 269 -10.29 9.84 19.98
N GLN A 270 -10.37 9.79 21.31
CA GLN A 270 -9.56 10.65 22.18
C GLN A 270 -8.12 10.14 22.37
N LEU A 271 -7.87 8.87 22.02
CA LEU A 271 -6.56 8.27 22.25
C LEU A 271 -5.56 8.80 21.22
N PRO A 272 -4.28 8.87 21.63
CA PRO A 272 -3.29 9.25 20.64
C PRO A 272 -3.20 8.15 19.57
N ILE A 273 -2.78 8.54 18.39
CA ILE A 273 -2.75 7.63 17.26
C ILE A 273 -1.38 6.99 17.04
N ASN A 274 -0.40 7.30 17.90
CA ASN A 274 0.93 6.70 17.81
C ASN A 274 1.17 5.46 18.70
N GLY A 275 0.09 4.84 19.16
CA GLY A 275 0.18 3.64 19.97
C GLY A 275 0.16 2.37 19.15
N VAL A 276 0.38 1.27 19.84
CA VAL A 276 0.52 -0.06 19.26
C VAL A 276 -0.47 -0.98 19.97
N PHE A 277 -1.24 -1.76 19.23
CA PHE A 277 -2.06 -2.80 19.85
C PHE A 277 -1.23 -4.03 20.12
N VAL A 278 -1.32 -4.53 21.36
CA VAL A 278 -0.53 -5.67 21.79
C VAL A 278 -1.47 -6.75 22.30
N PHE A 279 -1.36 -7.95 21.75
CA PHE A 279 -2.10 -9.10 22.28
C PHE A 279 -1.66 -9.43 23.69
N VAL A 280 -2.63 -9.61 24.57
CA VAL A 280 -2.35 -9.99 25.96
C VAL A 280 -2.70 -11.46 26.20
N SER A 281 -3.94 -11.83 25.89
CA SER A 281 -4.40 -13.20 26.13
C SER A 281 -5.74 -13.47 25.45
N TRP A 282 -6.08 -14.75 25.31
CA TRP A 282 -7.40 -15.14 24.88
C TRP A 282 -8.36 -15.09 26.06
N VAL A 283 -9.54 -14.53 25.84
CA VAL A 283 -10.54 -14.38 26.89
C VAL A 283 -11.91 -14.82 26.38
N SER A 284 -12.86 -14.94 27.29
CA SER A 284 -14.22 -15.24 26.93
C SER A 284 -14.83 -14.16 26.04
N ARG A 285 -15.73 -14.57 25.16
CA ARG A 285 -16.52 -13.63 24.37
C ARG A 285 -17.18 -12.54 25.22
N PHE A 286 -17.54 -12.88 26.46
CA PHE A 286 -18.24 -11.95 27.33
C PHE A 286 -17.34 -11.33 28.40
N TYR A 287 -16.03 -11.43 28.22
CA TYR A 287 -15.08 -10.72 29.09
C TYR A 287 -15.42 -9.24 29.13
N GLN A 288 -15.53 -8.67 30.32
CA GLN A 288 -15.95 -7.28 30.47
C GLN A 288 -14.75 -6.36 30.52
N LEU A 289 -14.66 -5.45 29.55
CA LEU A 289 -13.53 -4.56 29.48
C LEU A 289 -13.66 -3.41 30.47
N LYS A 290 -12.51 -2.92 30.93
CA LYS A 290 -12.46 -1.63 31.62
C LYS A 290 -12.72 -0.54 30.60
N PRO A 291 -13.63 0.40 30.91
CA PRO A 291 -13.84 1.53 30.01
C PRO A 291 -12.56 2.27 29.70
N VAL A 292 -12.42 2.73 28.46
CA VAL A 292 -11.14 3.23 27.95
C VAL A 292 -10.42 4.14 28.94
N PHE B 7 13.42 -16.47 13.25
CA PHE B 7 13.32 -15.36 12.25
C PHE B 7 12.31 -15.71 11.17
N THR B 8 11.55 -14.73 10.69
CA THR B 8 10.56 -14.98 9.65
C THR B 8 10.48 -13.90 8.56
N LEU B 9 10.11 -14.35 7.37
CA LEU B 9 9.65 -13.48 6.30
C LEU B 9 8.16 -13.74 6.12
N PRO B 10 7.43 -12.82 5.49
CA PRO B 10 6.01 -13.05 5.30
C PRO B 10 5.68 -14.36 4.58
N ASN B 11 4.70 -15.08 5.13
CA ASN B 11 4.20 -16.29 4.51
C ASN B 11 3.09 -15.93 3.52
N LEU B 12 3.49 -15.25 2.44
CA LEU B 12 2.62 -14.68 1.43
C LEU B 12 3.29 -14.83 0.07
N PRO B 13 2.54 -15.21 -0.96
CA PRO B 13 3.15 -15.36 -2.27
C PRO B 13 3.56 -14.01 -2.85
N LEU B 14 4.66 -14.00 -3.60
CA LEU B 14 5.18 -12.73 -4.10
C LEU B 14 4.19 -11.98 -4.95
N SER B 15 3.43 -12.70 -5.75
CA SER B 15 2.45 -12.13 -6.65
C SER B 15 1.32 -11.40 -5.93
N SER B 16 1.20 -11.61 -4.61
CA SER B 16 0.18 -10.92 -3.80
CA SER B 16 0.19 -10.90 -3.82
C SER B 16 0.73 -9.61 -3.20
N LEU B 17 2.01 -9.33 -3.42
CA LEU B 17 2.69 -8.23 -2.73
C LEU B 17 2.96 -7.02 -3.61
N SER B 18 3.46 -5.94 -3.01
CA SER B 18 3.69 -4.68 -3.69
C SER B 18 5.14 -4.37 -3.86
N ASN B 19 5.43 -3.62 -4.93
CA ASN B 19 6.67 -2.90 -5.06
C ASN B 19 6.82 -1.95 -3.87
N SER B 20 8.08 -1.64 -3.52
CA SER B 20 8.37 -0.68 -2.47
C SER B 20 8.82 0.67 -3.01
N ARG B 21 8.89 0.84 -4.35
CA ARG B 21 9.22 2.16 -4.93
C ARG B 21 8.01 2.83 -5.57
N ALA B 22 6.89 2.11 -5.71
CA ALA B 22 5.64 2.69 -6.19
C ALA B 22 4.57 1.70 -5.77
N PRO B 23 3.33 2.18 -5.65
CA PRO B 23 2.24 1.31 -5.19
C PRO B 23 1.68 0.39 -6.27
N LEU B 24 2.50 -0.58 -6.68
CA LEU B 24 2.23 -1.43 -7.85
C LEU B 24 2.40 -2.88 -7.47
N PRO B 25 1.51 -3.77 -7.94
CA PRO B 25 1.71 -5.20 -7.73
C PRO B 25 3.04 -5.70 -8.28
N ILE B 26 3.62 -6.70 -7.60
CA ILE B 26 4.80 -7.40 -8.12
C ILE B 26 4.37 -8.34 -9.23
N SER B 27 5.03 -8.20 -10.40
CA SER B 27 4.72 -9.01 -11.58
C SER B 27 5.80 -10.06 -11.87
N SER B 28 7.02 -9.89 -11.37
CA SER B 28 8.09 -10.85 -11.63
C SER B 28 9.27 -10.57 -10.72
N MET B 29 10.22 -11.49 -10.66
CA MET B 29 11.55 -11.20 -10.15
C MET B 29 12.44 -10.97 -11.35
N GLY B 30 13.55 -10.29 -11.11
CA GLY B 30 14.48 -9.97 -12.19
C GLY B 30 15.87 -9.70 -11.67
N ILE B 31 16.80 -9.56 -12.61
CA ILE B 31 18.18 -9.18 -12.31
C ILE B 31 18.44 -7.86 -13.02
N SER B 32 19.52 -7.20 -12.62
CA SER B 32 19.87 -5.94 -13.26
C SER B 32 20.54 -6.23 -14.60
N PRO B 33 20.52 -5.25 -15.50
CA PRO B 33 21.33 -5.39 -16.70
C PRO B 33 22.80 -5.46 -16.36
N ASP B 34 23.61 -5.95 -17.30
CA ASP B 34 25.02 -6.19 -16.96
C ASP B 34 25.87 -4.95 -17.02
N ASN B 35 25.24 -3.80 -17.30
CA ASN B 35 25.87 -2.52 -17.08
C ASN B 35 25.37 -1.82 -15.82
N VAL B 36 24.74 -2.60 -14.93
CA VAL B 36 24.36 -2.15 -13.59
C VAL B 36 24.83 -3.20 -12.60
N GLN B 37 25.76 -2.83 -11.73
CA GLN B 37 26.16 -3.70 -10.65
C GLN B 37 25.51 -3.30 -9.33
N SER B 38 25.67 -2.05 -8.93
CA SER B 38 25.11 -1.56 -7.68
C SER B 38 23.87 -0.73 -7.93
N VAL B 39 23.06 -0.60 -6.87
CA VAL B 39 21.91 0.28 -6.87
C VAL B 39 21.95 1.10 -5.58
N GLN B 40 21.23 2.23 -5.58
CA GLN B 40 21.21 3.12 -4.43
C GLN B 40 19.80 3.63 -4.17
N PHE B 41 18.83 2.74 -4.31
CA PHE B 41 17.44 3.09 -4.10
C PHE B 41 17.28 3.66 -2.71
N GLN B 42 16.42 4.68 -2.57
CA GLN B 42 16.16 5.28 -1.28
C GLN B 42 14.89 4.78 -0.64
N ASN B 43 13.92 4.31 -1.44
CA ASN B 43 12.77 3.59 -0.94
C ASN B 43 12.98 2.09 -1.09
N GLY B 44 12.23 1.33 -0.31
CA GLY B 44 12.37 -0.13 -0.32
C GLY B 44 13.64 -0.60 0.38
N ARG B 45 14.08 0.15 1.39
CA ARG B 45 15.33 -0.12 2.11
C ARG B 45 15.02 -0.39 3.58
N CYS B 46 15.24 -1.63 3.99
CA CYS B 46 14.99 -2.03 5.38
C CYS B 46 15.95 -3.18 5.69
N THR B 47 16.64 -3.09 6.82
CA THR B 47 17.52 -4.16 7.22
C THR B 47 16.75 -5.34 7.79
N LEU B 48 17.42 -6.49 7.90
CA LEU B 48 16.72 -7.67 8.41
C LEU B 48 16.24 -7.55 9.85
N ASP B 49 16.88 -6.68 10.65
CA ASP B 49 16.45 -6.44 12.00
C ASP B 49 15.43 -5.30 12.15
N GLY B 50 14.95 -4.79 11.01
CA GLY B 50 13.87 -3.83 11.02
C GLY B 50 14.22 -2.37 10.99
N ARG B 51 15.45 -2.03 10.59
CA ARG B 51 15.85 -0.62 10.47
C ARG B 51 15.47 -0.07 9.10
N LEU B 52 14.55 0.88 9.08
CA LEU B 52 14.21 1.56 7.84
C LEU B 52 15.34 2.48 7.46
N VAL B 53 15.69 2.50 6.18
CA VAL B 53 16.84 3.20 5.64
C VAL B 53 16.36 4.14 4.51
N GLY B 54 17.08 5.23 4.28
CA GLY B 54 16.73 6.16 3.21
C GLY B 54 15.41 6.84 3.52
N THR B 55 14.56 6.99 2.51
CA THR B 55 13.26 7.61 2.67
C THR B 55 12.14 6.58 2.87
N THR B 56 12.51 5.33 3.11
CA THR B 56 11.56 4.23 3.19
C THR B 56 10.58 4.40 4.33
N PRO B 57 9.27 4.31 4.05
CA PRO B 57 8.25 4.25 5.09
C PRO B 57 7.83 2.83 5.43
N VAL B 58 7.17 2.68 6.56
CA VAL B 58 6.56 1.40 6.93
C VAL B 58 5.48 0.97 5.96
N SER B 59 4.64 1.92 5.54
CA SER B 59 3.43 1.64 4.78
C SER B 59 3.47 2.06 3.34
N LEU B 60 2.87 1.24 2.47
CA LEU B 60 2.69 1.62 1.08
C LEU B 60 1.87 2.89 0.91
N SER B 61 1.04 3.25 1.90
CA SER B 61 0.27 4.48 1.81
C SER B 61 1.15 5.72 1.77
N HIS B 62 2.44 5.58 2.06
CA HIS B 62 3.36 6.69 1.99
C HIS B 62 4.33 6.61 0.79
N VAL B 63 4.30 5.52 0.03
CA VAL B 63 5.29 5.28 -0.99
C VAL B 63 5.04 6.05 -2.29
N ALA B 64 6.06 6.77 -2.73
CA ALA B 64 6.06 7.56 -3.97
C ALA B 64 5.02 8.66 -3.89
N LYS B 65 4.99 9.34 -2.74
CA LYS B 65 4.07 10.43 -2.49
C LYS B 65 4.82 11.68 -2.10
N ILE B 66 4.16 12.82 -2.31
CA ILE B 66 4.67 14.10 -1.90
C ILE B 66 3.57 14.87 -1.18
N ARG B 67 3.98 15.84 -0.37
CA ARG B 67 3.05 16.75 0.27
C ARG B 67 3.73 18.10 0.37
N GLY B 68 3.01 19.14 0.00
CA GLY B 68 3.58 20.47 0.12
C GLY B 68 2.63 21.55 -0.28
N THR B 69 3.09 22.78 -0.09
CA THR B 69 2.33 23.98 -0.43
C THR B 69 3.00 24.68 -1.59
N SER B 70 2.26 24.81 -2.70
CA SER B 70 2.69 25.61 -3.84
C SER B 70 2.40 27.07 -3.56
N ASN B 71 3.32 27.93 -3.99
CA ASN B 71 3.06 29.37 -4.09
C ASN B 71 2.97 29.79 -5.55
N GLY B 72 2.83 28.81 -6.45
CA GLY B 72 2.77 29.06 -7.89
C GLY B 72 4.12 28.99 -8.58
N THR B 73 5.21 29.08 -7.82
CA THR B 73 6.56 29.00 -8.37
C THR B 73 7.35 27.81 -7.83
N VAL B 74 7.28 27.59 -6.52
CA VAL B 74 7.84 26.39 -5.90
C VAL B 74 6.79 25.70 -5.05
N ILE B 75 7.03 24.41 -4.80
CA ILE B 75 6.32 23.66 -3.80
C ILE B 75 7.27 23.44 -2.64
N ASN B 76 6.86 23.98 -1.49
CA ASN B 76 7.59 23.78 -0.26
C ASN B 76 7.07 22.51 0.42
N LEU B 77 7.96 21.54 0.53
CA LEU B 77 7.61 20.18 0.97
C LEU B 77 7.54 20.05 2.47
N THR B 78 6.64 19.17 2.91
CA THR B 78 6.56 18.69 4.27
C THR B 78 6.55 17.15 4.25
N GLU B 79 6.54 16.54 5.43
CA GLU B 79 6.21 15.11 5.48
C GLU B 79 4.76 14.95 5.05
N LEU B 80 4.36 13.71 4.76
CA LEU B 80 3.01 13.43 4.28
C LEU B 80 1.92 13.89 5.24
N ASP B 81 2.20 13.83 6.54
CA ASP B 81 1.21 14.25 7.55
C ASP B 81 1.25 15.75 7.83
N GLY B 82 2.06 16.51 7.10
CA GLY B 82 2.12 17.95 7.29
C GLY B 82 3.25 18.41 8.16
N THR B 83 3.93 17.50 8.85
CA THR B 83 4.96 17.96 9.76
C THR B 83 6.20 18.39 8.99
N PRO B 84 6.96 19.35 9.54
CA PRO B 84 8.09 19.91 8.84
C PRO B 84 9.15 18.86 8.47
N PHE B 85 9.78 19.10 7.33
CA PHE B 85 10.94 18.35 6.85
C PHE B 85 12.13 19.29 6.88
N HIS B 86 13.27 18.81 7.38
CA HIS B 86 14.50 19.60 7.41
C HIS B 86 15.65 18.84 6.74
N PRO B 87 16.61 19.56 6.16
CA PRO B 87 17.67 18.88 5.41
C PRO B 87 18.42 17.78 6.16
N PHE B 88 18.61 17.95 7.47
CA PHE B 88 19.37 16.95 8.24
C PHE B 88 18.68 15.59 8.23
N GLU B 89 17.38 15.57 7.95
CA GLU B 89 16.62 14.33 8.02
C GLU B 89 16.83 13.37 6.86
N GLY B 90 17.30 13.84 5.72
CA GLY B 90 17.46 12.92 4.59
C GLY B 90 17.50 13.63 3.26
N PRO B 91 17.50 12.84 2.18
CA PRO B 91 17.55 13.44 0.85
C PRO B 91 16.24 14.04 0.40
N ALA B 92 15.15 13.66 1.05
CA ALA B 92 13.81 14.14 0.76
C ALA B 92 12.92 13.65 1.90
N PRO B 93 11.69 14.15 1.98
CA PRO B 93 10.77 13.63 2.99
C PRO B 93 10.52 12.14 2.84
N ILE B 94 10.09 11.50 3.92
CA ILE B 94 9.79 10.07 3.85
C ILE B 94 8.78 9.81 2.74
N GLY B 95 9.06 8.74 1.98
CA GLY B 95 8.17 8.30 0.90
C GLY B 95 8.36 8.99 -0.43
N PHE B 96 9.15 10.05 -0.48
CA PHE B 96 9.30 10.83 -1.69
C PHE B 96 9.76 9.92 -2.81
N PRO B 97 9.25 10.10 -4.04
CA PRO B 97 9.66 9.16 -5.09
C PRO B 97 11.18 9.12 -5.30
N ASP B 98 11.70 7.95 -5.65
CA ASP B 98 13.13 7.75 -5.82
C ASP B 98 13.46 7.20 -7.20
N LEU B 99 12.56 7.42 -8.16
CA LEU B 99 12.77 6.92 -9.52
C LEU B 99 13.64 7.89 -10.29
N GLY B 100 14.90 7.54 -10.49
CA GLY B 100 15.75 8.31 -11.38
C GLY B 100 15.45 7.94 -12.80
N GLY B 101 16.11 8.63 -13.73
CA GLY B 101 16.08 8.23 -15.12
C GLY B 101 14.71 8.28 -15.78
N CYS B 102 13.91 9.27 -15.41
CA CYS B 102 12.59 9.45 -15.99
C CYS B 102 11.99 10.79 -15.54
N ASP B 103 10.96 11.26 -16.24
CA ASP B 103 10.12 12.31 -15.72
C ASP B 103 8.98 11.63 -14.95
N TRP B 104 8.48 12.31 -13.94
CA TRP B 104 7.36 11.83 -13.17
C TRP B 104 6.10 12.59 -13.54
N HIS B 105 4.97 11.90 -13.44
CA HIS B 105 3.68 12.51 -13.58
C HIS B 105 2.90 12.13 -12.33
N ILE B 106 2.70 13.12 -11.49
CA ILE B 106 2.17 12.95 -10.15
C ILE B 106 0.74 13.46 -10.13
N ASN B 107 -0.17 12.72 -9.52
CA ASN B 107 -1.56 13.13 -9.41
C ASN B 107 -1.75 13.85 -8.09
N MET B 108 -2.11 15.13 -8.17
CA MET B 108 -2.25 16.01 -7.01
C MET B 108 -3.69 16.18 -6.62
N THR B 109 -4.00 15.93 -5.36
CA THR B 109 -5.32 16.18 -4.81
C THR B 109 -5.21 17.05 -3.57
N GLN B 110 -6.37 17.47 -3.07
CA GLN B 110 -6.41 18.37 -1.92
C GLN B 110 -7.48 18.02 -0.95
N PHE B 111 -7.17 18.10 0.33
CA PHE B 111 -8.18 17.96 1.34
C PHE B 111 -9.09 19.17 1.32
N GLY B 112 -10.38 18.97 1.18
CA GLY B 112 -11.33 20.06 1.18
C GLY B 112 -11.62 20.68 -0.17
N HIS B 113 -10.97 20.22 -1.24
CA HIS B 113 -11.27 20.71 -2.58
C HIS B 113 -11.58 19.57 -3.53
N SER B 114 -12.41 19.87 -4.52
CA SER B 114 -12.62 18.98 -5.64
C SER B 114 -11.38 18.94 -6.51
N SER B 115 -11.37 17.94 -7.39
CA SER B 115 -10.50 17.86 -8.56
C SER B 115 -9.13 17.26 -8.28
N GLN B 116 -8.48 16.85 -9.36
CA GLN B 116 -7.11 16.40 -9.33
C GLN B 116 -6.37 17.16 -10.41
N THR B 117 -5.06 17.26 -10.25
CA THR B 117 -4.21 17.97 -11.19
C THR B 117 -2.97 17.15 -11.45
N GLN B 118 -2.59 17.03 -12.71
CA GLN B 118 -1.35 16.39 -13.06
C GLN B 118 -0.20 17.34 -12.82
N TYR B 119 0.84 16.85 -12.16
CA TYR B 119 2.06 17.60 -11.88
C TYR B 119 3.20 16.91 -12.62
N ASP B 120 3.82 17.62 -13.57
CA ASP B 120 4.86 17.04 -14.39
C ASP B 120 6.22 17.42 -13.83
N VAL B 121 7.02 16.42 -13.50
CA VAL B 121 8.27 16.63 -12.79
C VAL B 121 9.48 16.18 -13.60
N ASP B 122 10.28 17.15 -14.02
CA ASP B 122 11.62 16.89 -14.48
C ASP B 122 12.50 17.02 -13.25
N THR B 123 13.24 15.97 -12.93
CA THR B 123 14.01 15.97 -11.69
C THR B 123 15.44 16.49 -11.88
N THR B 124 15.76 16.95 -13.09
CA THR B 124 17.11 17.42 -13.41
C THR B 124 17.45 18.90 -13.18
N PRO B 125 16.47 19.81 -13.15
CA PRO B 125 16.91 21.21 -13.05
C PRO B 125 17.37 21.61 -11.66
N ASP B 126 18.02 22.77 -11.55
CA ASP B 126 18.55 23.20 -10.27
C ASP B 126 17.46 23.65 -9.30
N THR B 127 16.21 23.75 -9.77
CA THR B 127 15.06 24.04 -8.94
C THR B 127 14.52 22.78 -8.22
N PHE B 128 14.99 21.62 -8.65
CA PHE B 128 14.53 20.37 -8.05
C PHE B 128 15.47 20.07 -6.90
N VAL B 129 15.11 20.53 -5.71
CA VAL B 129 15.95 20.40 -4.54
C VAL B 129 15.17 19.88 -3.34
N PRO B 130 14.63 18.64 -3.48
CA PRO B 130 13.82 18.15 -2.38
C PRO B 130 14.59 17.99 -1.06
N HIS B 131 15.90 17.82 -1.13
CA HIS B 131 16.71 17.76 0.10
C HIS B 131 16.64 19.06 0.87
N LEU B 132 16.49 20.19 0.18
CA LEU B 132 16.29 21.49 0.81
C LEU B 132 14.81 21.86 0.91
N GLY B 133 13.92 20.91 0.65
CA GLY B 133 12.51 21.09 0.86
C GLY B 133 11.74 21.81 -0.24
N SER B 134 12.32 21.95 -1.43
CA SER B 134 11.75 22.82 -2.47
C SER B 134 11.87 22.17 -3.83
N ILE B 135 10.75 22.10 -4.56
CA ILE B 135 10.77 21.64 -5.96
C ILE B 135 9.96 22.60 -6.81
N GLN B 136 10.29 22.71 -8.08
CA GLN B 136 9.55 23.65 -8.93
C GLN B 136 8.07 23.31 -8.99
N ALA B 137 7.20 24.31 -8.97
CA ALA B 137 5.76 24.11 -9.06
C ALA B 137 5.31 23.68 -10.45
N ASN B 138 6.06 24.07 -11.48
CA ASN B 138 5.70 23.80 -12.86
C ASN B 138 4.23 24.01 -13.14
N GLY B 139 3.72 25.17 -12.73
CA GLY B 139 2.35 25.56 -13.03
C GLY B 139 1.29 25.16 -12.04
N ILE B 140 1.64 24.36 -11.03
CA ILE B 140 0.69 24.00 -9.99
C ILE B 140 0.36 25.28 -9.17
N GLY B 141 -0.91 25.63 -9.16
CA GLY B 141 -1.36 26.85 -8.50
C GLY B 141 -1.22 26.80 -7.00
N SER B 142 -1.23 27.95 -6.36
CA SER B 142 -1.09 28.04 -4.92
C SER B 142 -2.08 27.15 -4.22
N GLY B 143 -1.60 26.47 -3.19
CA GLY B 143 -2.44 25.61 -2.38
C GLY B 143 -1.62 24.49 -1.77
N ASN B 144 -2.24 23.75 -0.88
CA ASN B 144 -1.62 22.57 -0.28
C ASN B 144 -2.14 21.35 -0.98
N TYR B 145 -1.21 20.45 -1.33
CA TYR B 145 -1.54 19.24 -2.07
C TYR B 145 -0.88 18.01 -1.49
N VAL B 146 -1.52 16.86 -1.68
CA VAL B 146 -0.87 15.56 -1.60
C VAL B 146 -0.80 15.01 -3.01
N GLY B 147 0.36 14.49 -3.39
CA GLY B 147 0.54 13.91 -4.71
C GLY B 147 1.02 12.47 -4.63
N VAL B 148 0.57 11.66 -5.57
CA VAL B 148 1.06 10.29 -5.71
C VAL B 148 1.56 10.08 -7.13
N LEU B 149 2.69 9.40 -7.27
CA LEU B 149 3.19 9.05 -8.60
C LEU B 149 2.15 8.23 -9.35
N SER B 150 1.85 8.64 -10.58
CA SER B 150 0.82 8.00 -11.40
C SER B 150 1.40 7.28 -12.62
N TRP B 151 2.27 7.95 -13.36
CA TRP B 151 2.89 7.35 -14.53
C TRP B 151 4.22 8.07 -14.80
N ILE B 152 5.08 7.47 -15.60
CA ILE B 152 6.40 8.03 -15.91
C ILE B 152 6.62 8.08 -17.41
N SER B 153 7.66 8.80 -17.79
CA SER B 153 8.00 8.94 -19.21
C SER B 153 9.49 9.25 -19.30
N PRO B 154 10.07 9.25 -20.51
CA PRO B 154 11.50 9.52 -20.61
C PRO B 154 11.91 10.87 -20.01
N PRO B 155 13.12 10.95 -19.47
CA PRO B 155 13.51 12.22 -18.91
C PRO B 155 13.53 13.33 -19.95
N SER B 156 13.13 14.52 -19.52
CA SER B 156 13.20 15.69 -20.41
C SER B 156 14.65 16.05 -20.71
N HIS B 157 15.54 15.80 -19.76
CA HIS B 157 16.96 16.06 -19.95
C HIS B 157 17.78 14.93 -19.35
N PRO B 158 18.90 14.59 -19.99
CA PRO B 158 19.29 15.13 -21.30
C PRO B 158 18.61 14.41 -22.45
N SER B 159 18.57 14.97 -23.64
CA SER B 159 17.33 15.32 -24.27
C SER B 159 17.42 13.99 -25.06
N GLY B 160 16.34 13.24 -25.24
CA GLY B 160 16.41 11.94 -25.94
C GLY B 160 16.94 10.73 -25.16
N SER B 161 17.23 10.89 -23.88
CA SER B 161 17.66 9.76 -23.05
C SER B 161 16.48 8.81 -22.78
N GLN B 162 16.81 7.58 -22.41
CA GLN B 162 15.85 6.52 -22.20
C GLN B 162 15.43 6.46 -20.73
N VAL B 163 14.27 5.91 -20.46
CA VAL B 163 13.89 5.58 -19.09
C VAL B 163 14.91 4.59 -18.50
N ASP B 164 15.41 4.88 -17.31
CA ASP B 164 16.38 4.04 -16.62
C ASP B 164 16.05 4.02 -15.12
N LEU B 165 15.27 3.02 -14.72
CA LEU B 165 14.77 2.94 -13.35
C LEU B 165 15.76 2.29 -12.39
N TRP B 166 16.95 1.98 -12.86
CA TRP B 166 18.03 1.56 -11.99
C TRP B 166 18.68 2.73 -11.26
N LYS B 167 18.30 3.95 -11.63
CA LYS B 167 18.84 5.17 -11.05
C LYS B 167 17.90 5.78 -10.01
N ILE B 168 18.47 6.69 -9.22
CA ILE B 168 17.73 7.59 -8.33
C ILE B 168 17.89 9.03 -8.82
N PRO B 169 16.97 9.93 -8.44
CA PRO B 169 17.11 11.31 -8.90
C PRO B 169 18.20 12.07 -8.14
N ASN B 170 18.52 13.26 -8.66
CA ASN B 170 19.44 14.17 -7.99
C ASN B 170 18.67 15.02 -7.00
N TYR B 171 18.72 14.63 -5.73
CA TYR B 171 17.95 15.28 -4.68
C TYR B 171 18.47 16.66 -4.25
N GLY B 172 19.74 16.92 -4.54
CA GLY B 172 20.40 18.12 -4.03
C GLY B 172 20.50 19.20 -5.07
N SER B 173 21.14 20.30 -4.66
CA SER B 173 21.28 21.47 -5.54
C SER B 173 22.16 21.12 -6.74
N SER B 174 23.16 20.27 -6.48
CA SER B 174 23.97 19.69 -7.54
C SER B 174 24.35 18.27 -7.15
N ILE B 175 24.93 17.54 -8.10
CA ILE B 175 25.37 16.16 -7.84
C ILE B 175 26.45 16.09 -6.75
N THR B 176 27.13 17.20 -6.50
CA THR B 176 28.19 17.25 -5.47
C THR B 176 27.67 17.60 -4.06
N GLU B 177 26.39 17.93 -3.94
CA GLU B 177 25.82 18.21 -2.62
C GLU B 177 25.49 16.93 -1.86
N ALA B 178 25.86 16.92 -0.58
CA ALA B 178 25.59 15.80 0.31
C ALA B 178 24.15 15.86 0.76
N THR B 179 23.44 14.77 0.59
CA THR B 179 22.00 14.75 0.85
C THR B 179 21.62 13.62 1.80
N HIS B 180 22.60 12.97 2.41
CA HIS B 180 22.34 11.88 3.35
C HIS B 180 21.66 10.69 2.71
N LEU B 181 22.11 10.32 1.52
CA LEU B 181 21.58 9.13 0.86
C LEU B 181 21.88 7.87 1.65
N ALA B 182 20.93 6.93 1.66
CA ALA B 182 21.24 5.58 2.08
C ALA B 182 22.33 5.06 1.14
N PRO B 183 23.25 4.24 1.67
CA PRO B 183 24.37 3.75 0.88
C PRO B 183 23.97 2.80 -0.23
N SER B 184 24.85 2.65 -1.22
CA SER B 184 24.64 1.71 -2.30
C SER B 184 24.68 0.28 -1.80
N VAL B 185 24.00 -0.58 -2.56
CA VAL B 185 23.98 -2.01 -2.34
C VAL B 185 24.70 -2.66 -3.51
N TYR B 186 25.67 -3.53 -3.19
CA TYR B 186 26.44 -4.26 -4.20
C TYR B 186 26.17 -5.75 -4.13
N PRO B 187 26.30 -6.45 -5.28
CA PRO B 187 26.27 -7.90 -5.19
C PRO B 187 27.44 -8.38 -4.29
N PRO B 188 27.20 -9.38 -3.42
CA PRO B 188 28.20 -9.74 -2.40
C PRO B 188 29.35 -10.71 -2.77
N GLY B 189 29.26 -11.39 -3.92
CA GLY B 189 30.13 -12.57 -4.25
C GLY B 189 29.15 -13.55 -4.87
N PHE B 190 29.46 -14.35 -5.89
CA PHE B 190 30.30 -15.56 -5.90
C PHE B 190 29.35 -16.79 -6.07
N GLY B 191 28.73 -16.99 -7.24
CA GLY B 191 28.39 -15.96 -8.21
C GLY B 191 26.94 -15.61 -7.91
N GLU B 192 26.71 -15.01 -6.74
CA GLU B 192 25.37 -14.56 -6.36
C GLU B 192 24.99 -13.27 -7.05
N VAL B 193 23.74 -13.20 -7.48
CA VAL B 193 23.20 -11.99 -8.09
C VAL B 193 22.15 -11.36 -7.17
N LEU B 194 22.09 -10.04 -7.20
CA LEU B 194 21.01 -9.32 -6.53
C LEU B 194 19.68 -9.66 -7.20
N VAL B 195 18.68 -9.91 -6.35
CA VAL B 195 17.35 -10.23 -6.81
C VAL B 195 16.47 -8.98 -6.68
N PHE B 196 15.79 -8.64 -7.76
CA PHE B 196 14.90 -7.49 -7.77
C PHE B 196 13.48 -7.96 -7.97
N PHE B 197 12.57 -7.27 -7.30
CA PHE B 197 11.15 -7.46 -7.43
C PHE B 197 10.61 -6.40 -8.37
N MET B 198 9.99 -6.83 -9.46
CA MET B 198 9.64 -5.96 -10.56
C MET B 198 8.15 -5.69 -10.62
N SER B 199 7.78 -4.49 -11.07
CA SER B 199 6.40 -4.13 -11.34
C SER B 199 6.26 -3.36 -12.64
N LYS B 200 5.14 -3.54 -13.32
CA LYS B 200 4.83 -2.79 -14.51
CA LYS B 200 4.84 -2.79 -14.52
C LYS B 200 4.40 -1.38 -14.12
N MET B 201 5.06 -0.37 -14.68
CA MET B 201 4.73 1.04 -14.39
C MET B 201 4.10 1.68 -15.62
N PRO B 202 2.90 2.28 -15.48
CA PRO B 202 2.28 2.97 -16.60
C PRO B 202 3.12 4.09 -17.21
N GLY B 203 2.87 4.34 -18.49
CA GLY B 203 3.57 5.33 -19.27
C GLY B 203 3.84 4.80 -20.65
N PRO B 204 4.40 5.63 -21.54
CA PRO B 204 4.57 5.31 -22.96
C PRO B 204 5.74 4.36 -23.29
N GLY B 205 5.84 3.26 -22.58
CA GLY B 205 6.85 2.24 -22.84
C GLY B 205 6.60 1.04 -21.95
N ALA B 206 7.42 -0.01 -22.09
CA ALA B 206 7.24 -1.23 -21.33
C ALA B 206 8.10 -1.14 -20.08
N TYR B 207 7.67 -0.29 -19.16
CA TYR B 207 8.49 0.08 -18.01
C TYR B 207 8.36 -0.94 -16.90
N ASN B 208 9.50 -1.38 -16.37
CA ASN B 208 9.55 -2.34 -15.30
C ASN B 208 10.37 -1.77 -14.18
N LEU B 209 9.72 -1.59 -13.02
CA LEU B 209 10.32 -0.90 -11.87
C LEU B 209 10.89 -1.93 -10.91
N PRO B 210 12.22 -1.92 -10.68
CA PRO B 210 12.85 -2.85 -9.74
C PRO B 210 12.87 -2.29 -8.33
N CYS B 211 12.73 -3.16 -7.34
CA CYS B 211 12.99 -2.81 -5.94
C CYS B 211 13.67 -3.96 -5.24
N LEU B 212 14.27 -3.69 -4.09
CA LEU B 212 15.02 -4.71 -3.35
C LEU B 212 14.16 -5.60 -2.46
N LEU B 213 13.02 -5.08 -2.00
CA LEU B 213 12.12 -5.86 -1.10
C LEU B 213 10.69 -5.49 -1.41
N PRO B 214 9.77 -6.46 -1.40
CA PRO B 214 8.36 -6.06 -1.43
C PRO B 214 8.03 -5.18 -0.23
N GLN B 215 7.06 -4.28 -0.39
CA GLN B 215 6.72 -3.41 0.72
C GLN B 215 6.26 -4.17 1.97
N GLU B 216 5.55 -5.27 1.76
CA GLU B 216 5.04 -6.03 2.89
C GLU B 216 6.15 -6.71 3.66
N TYR B 217 7.28 -6.96 3.02
CA TYR B 217 8.46 -7.45 3.75
C TYR B 217 8.97 -6.37 4.68
N ILE B 218 8.95 -5.12 4.23
CA ILE B 218 9.41 -4.00 5.03
C ILE B 218 8.55 -3.82 6.29
N SER B 219 7.23 -3.82 6.15
CA SER B 219 6.42 -3.67 7.33
CA SER B 219 6.37 -3.71 7.30
C SER B 219 6.58 -4.89 8.24
N HIS B 220 6.74 -6.08 7.67
CA HIS B 220 6.98 -7.29 8.48
C HIS B 220 8.26 -7.19 9.28
N LEU B 221 9.35 -6.84 8.63
CA LEU B 221 10.65 -6.75 9.31
C LEU B 221 10.65 -5.65 10.34
N ALA B 222 10.01 -4.53 10.03
CA ALA B 222 9.94 -3.41 10.97
C ALA B 222 9.12 -3.76 12.21
N SER B 223 8.10 -4.59 12.05
CA SER B 223 7.30 -5.07 13.18
C SER B 223 8.08 -6.12 13.97
N GLU B 224 8.72 -7.04 13.27
CA GLU B 224 9.40 -8.19 13.90
C GLU B 224 10.59 -7.77 14.75
N GLN B 225 11.37 -6.81 14.28
CA GLN B 225 12.51 -6.29 15.03
C GLN B 225 13.40 -7.43 15.52
N ALA B 226 13.75 -8.33 14.60
CA ALA B 226 14.50 -9.57 14.91
C ALA B 226 15.70 -9.28 15.81
N PRO B 227 15.76 -9.94 16.99
CA PRO B 227 16.83 -9.73 17.95
C PRO B 227 18.13 -10.49 17.66
N THR B 228 18.09 -11.49 16.76
CA THR B 228 19.21 -12.45 16.56
C THR B 228 19.58 -12.68 15.09
N VAL B 229 19.85 -11.59 14.35
CA VAL B 229 20.20 -11.70 12.93
C VAL B 229 21.63 -12.19 12.78
N GLY B 230 21.84 -13.18 11.91
CA GLY B 230 23.17 -13.77 11.65
C GLY B 230 23.85 -13.16 10.41
N GLU B 231 24.88 -13.81 9.88
CA GLU B 231 25.63 -13.24 8.73
C GLU B 231 24.81 -13.23 7.43
N ALA B 232 24.04 -14.29 7.19
CA ALA B 232 23.13 -14.37 6.04
C ALA B 232 22.04 -15.35 6.39
N ALA B 233 20.83 -15.12 5.88
CA ALA B 233 19.73 -16.03 6.10
C ALA B 233 19.60 -16.90 4.87
N LEU B 234 19.71 -18.21 5.07
CA LEU B 234 19.39 -19.16 4.02
C LEU B 234 17.88 -19.28 3.90
N LEU B 235 17.39 -19.12 2.68
CA LEU B 235 15.96 -19.20 2.37
C LEU B 235 15.68 -20.25 1.33
N HIS B 236 14.48 -20.79 1.34
CA HIS B 236 13.97 -21.53 0.19
C HIS B 236 12.85 -20.71 -0.41
N TYR B 237 12.80 -20.66 -1.72
CA TYR B 237 11.65 -20.14 -2.45
C TYR B 237 10.73 -21.33 -2.74
N VAL B 238 9.61 -21.37 -2.04
CA VAL B 238 8.77 -22.58 -1.99
C VAL B 238 7.48 -22.41 -2.76
N ASP B 239 7.08 -23.46 -3.48
CA ASP B 239 5.76 -23.53 -4.07
C ASP B 239 4.84 -23.98 -2.93
N PRO B 240 3.88 -23.13 -2.53
CA PRO B 240 3.07 -23.42 -1.33
C PRO B 240 2.29 -24.74 -1.38
N ASP B 241 1.77 -25.07 -2.55
CA ASP B 241 0.89 -26.22 -2.70
C ASP B 241 1.66 -27.53 -2.60
N THR B 242 2.75 -27.61 -3.34
CA THR B 242 3.54 -28.84 -3.40
C THR B 242 4.61 -28.89 -2.31
N GLY B 243 4.96 -27.73 -1.76
CA GLY B 243 6.04 -27.63 -0.79
C GLY B 243 7.43 -27.75 -1.42
N ARG B 244 7.47 -27.78 -2.75
CA ARG B 244 8.69 -27.93 -3.51
C ARG B 244 9.55 -26.71 -3.33
N ASN B 245 10.84 -26.96 -3.03
CA ASN B 245 11.85 -25.92 -2.99
C ASN B 245 12.29 -25.60 -4.41
N LEU B 246 11.92 -24.42 -4.89
CA LEU B 246 12.25 -23.99 -6.25
C LEU B 246 13.65 -23.37 -6.36
N GLY B 247 14.25 -23.06 -5.22
CA GLY B 247 15.60 -22.51 -5.23
C GLY B 247 16.03 -21.99 -3.88
N GLU B 248 17.31 -22.13 -3.62
CA GLU B 248 17.94 -21.57 -2.43
C GLU B 248 18.31 -20.12 -2.68
N PHE B 249 18.05 -19.28 -1.69
CA PHE B 249 18.39 -17.86 -1.76
C PHE B 249 19.07 -17.48 -0.46
N LYS B 250 19.78 -16.35 -0.45
CA LYS B 250 20.28 -15.75 0.80
C LYS B 250 19.70 -14.35 1.00
N ALA B 251 19.32 -14.03 2.23
CA ALA B 251 18.99 -12.65 2.58
C ALA B 251 20.13 -12.11 3.42
N TYR B 252 20.59 -10.92 3.06
CA TYR B 252 21.69 -10.30 3.78
C TYR B 252 21.19 -9.24 4.75
N PRO B 253 21.90 -9.03 5.87
CA PRO B 253 21.48 -8.09 6.90
C PRO B 253 21.07 -6.71 6.40
N ASP B 254 21.74 -6.18 5.37
CA ASP B 254 21.44 -4.83 4.90
C ASP B 254 20.09 -4.73 4.17
N GLY B 255 19.48 -5.87 3.89
CA GLY B 255 18.10 -5.90 3.38
C GLY B 255 17.96 -6.21 1.90
N PHE B 256 18.67 -7.22 1.42
CA PHE B 256 18.53 -7.64 0.02
C PHE B 256 18.68 -9.15 -0.08
N LEU B 257 18.17 -9.67 -1.18
CA LEU B 257 18.19 -11.11 -1.44
C LEU B 257 19.08 -11.41 -2.63
N THR B 258 19.68 -12.61 -2.61
CA THR B 258 20.49 -13.11 -3.71
C THR B 258 20.17 -14.56 -4.01
N CYS B 259 20.53 -14.98 -5.21
CA CYS B 259 20.58 -16.39 -5.58
C CYS B 259 21.72 -16.57 -6.57
N VAL B 260 22.00 -17.85 -6.88
CA VAL B 260 22.96 -18.19 -7.93
C VAL B 260 22.17 -18.76 -9.10
N PRO B 261 22.08 -18.01 -10.21
CA PRO B 261 21.41 -18.55 -11.38
C PRO B 261 22.27 -19.63 -12.03
N ASN B 262 21.63 -20.70 -12.51
CA ASN B 262 22.35 -21.74 -13.24
C ASN B 262 22.50 -21.27 -14.67
N GLY B 263 23.53 -20.46 -14.91
CA GLY B 263 23.73 -19.82 -16.21
C GLY B 263 22.57 -18.91 -16.55
N ALA B 264 22.18 -18.89 -17.83
CA ALA B 264 21.01 -18.14 -18.26
C ALA B 264 19.93 -19.11 -18.71
N SER B 265 19.64 -20.11 -17.87
CA SER B 265 18.51 -21.02 -18.11
C SER B 265 17.62 -21.15 -16.88
N SER B 266 18.19 -20.89 -15.71
CA SER B 266 17.46 -20.83 -14.46
C SER B 266 17.90 -19.56 -13.71
N GLY B 267 16.96 -18.91 -13.06
CA GLY B 267 17.26 -17.67 -12.37
C GLY B 267 15.99 -16.95 -12.01
N PRO B 268 16.13 -15.79 -11.33
CA PRO B 268 14.97 -15.04 -10.88
C PRO B 268 13.89 -14.90 -11.94
N GLN B 269 14.23 -14.41 -13.13
CA GLN B 269 13.19 -14.14 -14.15
C GLN B 269 12.44 -15.40 -14.61
N GLN B 270 13.09 -16.56 -14.52
CA GLN B 270 12.46 -17.79 -14.97
C GLN B 270 11.57 -18.43 -13.90
N LEU B 271 11.64 -17.91 -12.69
CA LEU B 271 10.89 -18.51 -11.59
C LEU B 271 9.44 -18.04 -11.60
N PRO B 272 8.52 -18.92 -11.19
CA PRO B 272 7.13 -18.49 -11.07
C PRO B 272 7.06 -17.45 -9.96
N ILE B 273 6.05 -16.60 -10.01
CA ILE B 273 5.97 -15.47 -9.08
C ILE B 273 4.96 -15.75 -7.94
N ASN B 274 4.43 -16.97 -7.88
CA ASN B 274 3.48 -17.37 -6.81
C ASN B 274 4.11 -18.12 -5.65
N GLY B 275 5.44 -18.07 -5.53
CA GLY B 275 6.13 -18.72 -4.45
C GLY B 275 6.27 -17.84 -3.20
N VAL B 276 6.74 -18.46 -2.14
CA VAL B 276 6.90 -17.84 -0.84
C VAL B 276 8.35 -18.05 -0.41
N PHE B 277 9.01 -17.00 0.06
CA PHE B 277 10.33 -17.16 0.65
C PHE B 277 10.18 -17.59 2.09
N VAL B 278 10.90 -18.65 2.44
CA VAL B 278 10.86 -19.22 3.79
C VAL B 278 12.24 -19.26 4.40
N PHE B 279 12.38 -18.69 5.58
CA PHE B 279 13.62 -18.76 6.33
C PHE B 279 13.90 -20.21 6.71
N VAL B 280 15.13 -20.66 6.43
CA VAL B 280 15.57 -22.01 6.80
C VAL B 280 16.50 -21.95 8.01
N SER B 281 17.59 -21.21 7.89
CA SER B 281 18.56 -21.08 8.96
C SER B 281 19.54 -19.96 8.70
N TRP B 282 20.26 -19.57 9.75
CA TRP B 282 21.37 -18.62 9.61
C TRP B 282 22.60 -19.36 9.12
N VAL B 283 23.28 -18.81 8.13
CA VAL B 283 24.48 -19.41 7.56
C VAL B 283 25.59 -18.36 7.50
N SER B 284 26.81 -18.77 7.21
CA SER B 284 27.91 -17.84 7.09
C SER B 284 27.71 -16.98 5.86
N ARG B 285 28.35 -15.81 5.85
CA ARG B 285 28.30 -14.92 4.71
C ARG B 285 28.72 -15.64 3.42
N PHE B 286 29.68 -16.55 3.53
CA PHE B 286 30.27 -17.23 2.37
C PHE B 286 29.63 -18.58 2.03
N TYR B 287 28.50 -18.88 2.66
CA TYR B 287 27.75 -20.11 2.36
C TYR B 287 27.45 -20.18 0.87
N GLN B 288 27.86 -21.27 0.21
CA GLN B 288 27.66 -21.40 -1.23
C GLN B 288 26.30 -22.01 -1.54
N LEU B 289 25.50 -21.28 -2.30
CA LEU B 289 24.17 -21.73 -2.68
C LEU B 289 24.22 -22.70 -3.86
N LYS B 290 23.29 -23.65 -3.87
CA LYS B 290 23.07 -24.47 -5.05
C LYS B 290 22.40 -23.58 -6.09
N PRO B 291 22.91 -23.56 -7.33
CA PRO B 291 22.26 -22.80 -8.43
C PRO B 291 20.76 -23.08 -8.58
N VAL B 292 19.97 -22.04 -8.86
CA VAL B 292 18.51 -22.19 -8.87
C VAL B 292 18.06 -23.30 -9.82
C1 GAL C . 6.43 18.56 -25.51
C2 GAL C . 6.56 17.84 -24.17
C3 GAL C . 6.67 16.33 -24.36
C4 GAL C . 5.56 15.82 -25.29
C5 GAL C . 5.56 16.64 -26.58
C6 GAL C . 4.47 16.18 -27.55
O1 GAL C . 6.06 19.91 -25.26
O2 GAL C . 7.73 18.30 -23.48
O3 GAL C . 6.56 15.79 -23.03
O4 GAL C . 4.28 15.88 -24.62
O5 GAL C . 5.39 18.02 -26.32
O6 GAL C . 4.66 16.88 -28.80
C1 FUC C . 7.53 18.50 -22.08
C2 FUC C . 8.91 18.52 -21.47
C3 FUC C . 9.65 19.78 -21.95
C4 FUC C . 8.82 21.02 -21.65
C5 FUC C . 7.43 20.89 -22.29
C6 FUC C . 6.52 22.07 -22.00
O2 FUC C . 9.65 17.36 -21.86
O3 FUC C . 10.92 19.88 -21.30
O4 FUC C . 8.70 21.18 -20.22
O5 FUC C . 6.78 19.70 -21.80
C1 NGA C . 6.55 14.37 -22.89
C2 NGA C . 6.42 14.07 -21.40
C3 NGA C . 7.71 14.50 -20.71
C4 NGA C . 8.93 13.83 -21.33
C5 NGA C . 8.94 14.22 -22.81
C6 NGA C . 10.11 13.59 -23.53
C7 NGA C . 3.98 14.78 -21.27
C8 NGA C . 3.00 15.36 -20.26
N2 NGA C . 5.33 14.80 -20.78
O3 NGA C . 7.57 14.13 -19.33
O4 NGA C . 8.86 12.41 -21.18
O5 NGA C . 7.73 13.77 -23.41
O6 NGA C . 10.13 14.14 -24.85
O7 NGA C . 3.65 13.50 -21.75
CA CA D . -25.97 0.52 -8.95
MG MG E . -0.21 -1.97 16.22
C ACT F . -1.57 -1.55 -10.85
O ACT F . -1.08 -1.97 -11.90
OXT ACT F . -1.32 -0.40 -10.45
CH3 ACT F . -2.48 -2.43 -10.10
MG MG G . 7.13 -14.55 0.88
C ACT H . -2.30 10.77 1.66
O ACT H . -3.01 11.55 2.33
OXT ACT H . -2.76 10.13 0.67
CH3 ACT H . -0.91 10.59 2.08
#